data_8AIB
#
_entry.id   8AIB
#
_cell.length_a   92.196
_cell.length_b   92.196
_cell.length_c   193.088
_cell.angle_alpha   90
_cell.angle_beta   90
_cell.angle_gamma   90
#
_symmetry.space_group_name_H-M   'P 43 21 2'
#
loop_
_entity.id
_entity.type
_entity.pdbx_description
1 polymer 'Glutathione S-transferase family protein'
2 non-polymer GLUTATHIONE
3 water water
#
_entity_poly.entity_id   1
_entity_poly.type   'polypeptide(L)'
_entity_poly.pdbx_seq_one_letter_code
;MIKLYGAPQSAASIIQWYLEELSLPYEFVNVNLKEGEHRQAPYLAINPFGKVPAIADGNFHLWESGAILLYLAEKASTIP
ADAQARALVNQWILFANSTLANGLFIEAVREKEMPRLLQSLEKILGRSPFILGEKFSVVDVAVGSILAYVPIMLKLNFDD
YPAVAAYVQGLVQRPAFQASIGARLEHHHHHH
;
_entity_poly.pdbx_strand_id   A,B
#
# COMPACT_ATOMS: atom_id res chain seq x y z
N MET A 1 -25.36 -6.62 0.19
CA MET A 1 -24.35 -6.20 -0.78
C MET A 1 -23.38 -5.20 -0.12
N ILE A 2 -22.19 -5.00 -0.73
CA ILE A 2 -21.21 -4.08 -0.20
C ILE A 2 -21.77 -2.65 -0.11
N LYS A 3 -21.48 -1.92 0.94
CA LYS A 3 -21.81 -0.50 1.00
C LYS A 3 -20.48 0.15 0.66
N LEU A 4 -20.44 1.02 -0.36
CA LEU A 4 -19.23 1.74 -0.75
C LEU A 4 -19.40 3.21 -0.41
N TYR A 5 -18.56 3.76 0.48
CA TYR A 5 -18.60 5.19 0.85
C TYR A 5 -17.63 5.96 -0.04
N GLY A 6 -18.15 6.93 -0.78
CA GLY A 6 -17.33 7.67 -1.71
C GLY A 6 -17.62 9.15 -1.82
N ALA A 7 -17.01 9.79 -2.80
CA ALA A 7 -17.15 11.21 -3.07
C ALA A 7 -16.69 11.45 -4.51
N PRO A 8 -17.19 12.49 -5.21
CA PRO A 8 -16.70 12.74 -6.59
C PRO A 8 -15.20 13.06 -6.56
N GLN A 9 -14.48 12.55 -7.54
CA GLN A 9 -13.05 12.79 -7.62
C GLN A 9 -12.29 12.20 -6.41
N SER A 10 -12.69 10.99 -6.00
CA SER A 10 -11.99 10.25 -4.95
C SER A 10 -11.66 8.85 -5.52
N ALA A 11 -10.92 8.01 -4.76
CA ALA A 11 -10.63 6.65 -5.20
C ALA A 11 -11.83 5.70 -5.06
N ALA A 12 -13.03 6.19 -4.66
CA ALA A 12 -14.22 5.31 -4.59
C ALA A 12 -14.60 4.83 -6.00
N SER A 13 -14.38 5.66 -7.03
CA SER A 13 -14.65 5.29 -8.43
C SER A 13 -13.76 4.11 -8.87
N ILE A 14 -12.57 3.97 -8.30
CA ILE A 14 -11.68 2.84 -8.59
C ILE A 14 -12.28 1.56 -8.00
N ILE A 15 -12.81 1.62 -6.76
CA ILE A 15 -13.46 0.46 -6.14
C ILE A 15 -14.69 0.07 -6.94
N GLN A 16 -15.48 1.08 -7.32
CA GLN A 16 -16.65 0.90 -8.16
C GLN A 16 -16.29 0.27 -9.50
N TRP A 17 -15.17 0.69 -10.14
CA TRP A 17 -14.72 0.07 -11.38
C TRP A 17 -14.48 -1.45 -11.18
N TYR A 18 -13.79 -1.83 -10.10
CA TYR A 18 -13.53 -3.23 -9.84
C TYR A 18 -14.80 -4.01 -9.49
N LEU A 19 -15.74 -3.43 -8.72
CA LEU A 19 -17.03 -4.07 -8.42
C LEU A 19 -17.80 -4.31 -9.73
N GLU A 20 -17.76 -3.36 -10.66
CA GLU A 20 -18.40 -3.53 -11.98
C GLU A 20 -17.70 -4.63 -12.79
N GLU A 21 -16.36 -4.73 -12.70
CA GLU A 21 -15.65 -5.80 -13.40
C GLU A 21 -16.04 -7.16 -12.83
N LEU A 22 -16.24 -7.24 -11.50
CA LEU A 22 -16.65 -8.47 -10.86
C LEU A 22 -18.14 -8.79 -11.02
N SER A 23 -18.94 -7.84 -11.56
CA SER A 23 -20.39 -7.93 -11.72
C SER A 23 -21.03 -8.09 -10.33
N LEU A 24 -20.56 -7.30 -9.36
CA LEU A 24 -21.10 -7.35 -8.02
C LEU A 24 -21.97 -6.13 -7.80
N PRO A 25 -23.10 -6.31 -7.11
CA PRO A 25 -23.91 -5.15 -6.76
C PRO A 25 -23.24 -4.41 -5.60
N TYR A 26 -23.58 -3.14 -5.43
CA TYR A 26 -23.06 -2.34 -4.32
C TYR A 26 -24.03 -1.19 -4.04
N GLU A 27 -24.03 -0.72 -2.81
CA GLU A 27 -24.81 0.39 -2.38
C GLU A 27 -23.87 1.59 -2.25
N PHE A 28 -23.91 2.53 -3.17
CA PHE A 28 -23.05 3.70 -3.10
C PHE A 28 -23.60 4.74 -2.11
N VAL A 29 -22.76 5.22 -1.20
CA VAL A 29 -23.14 6.23 -0.24
C VAL A 29 -22.18 7.38 -0.37
N ASN A 30 -22.70 8.53 -0.76
CA ASN A 30 -21.88 9.73 -0.91
C ASN A 30 -21.58 10.35 0.44
N VAL A 31 -20.33 10.71 0.66
CA VAL A 31 -19.88 11.40 1.86
C VAL A 31 -19.51 12.79 1.33
N ASN A 32 -20.21 13.82 1.81
CA ASN A 32 -20.03 15.18 1.32
C ASN A 32 -18.78 15.80 1.95
N LEU A 33 -17.66 15.72 1.24
CA LEU A 33 -16.39 16.27 1.69
C LEU A 33 -16.42 17.79 1.79
N LYS A 34 -17.03 18.47 0.80
CA LYS A 34 -17.12 19.94 0.82
C LYS A 34 -17.84 20.44 2.07
N GLU A 35 -18.81 19.67 2.58
CA GLU A 35 -19.53 20.04 3.80
C GLU A 35 -18.99 19.39 5.08
N GLY A 36 -17.79 18.79 5.00
CA GLY A 36 -17.09 18.16 6.13
C GLY A 36 -17.76 16.95 6.73
N GLU A 37 -18.58 16.21 5.96
CA GLU A 37 -19.27 15.02 6.47
C GLU A 37 -18.32 13.90 6.89
N HIS A 38 -17.15 13.83 6.23
CA HIS A 38 -16.11 12.87 6.53
C HIS A 38 -15.45 13.14 7.88
N ARG A 39 -15.57 14.36 8.45
CA ARG A 39 -15.00 14.68 9.76
C ARG A 39 -16.03 14.62 10.90
N GLN A 40 -17.18 14.00 10.65
CA GLN A 40 -18.23 13.84 11.66
C GLN A 40 -18.20 12.43 12.22
N ALA A 41 -18.64 12.27 13.48
CA ALA A 41 -18.63 11.02 14.21
C ALA A 41 -19.12 9.79 13.44
N PRO A 42 -20.24 9.82 12.65
CA PRO A 42 -20.65 8.60 11.96
C PRO A 42 -19.60 8.14 10.97
N TYR A 43 -19.03 9.07 10.15
CA TYR A 43 -17.99 8.64 9.21
C TYR A 43 -16.69 8.26 9.93
N LEU A 44 -16.33 9.01 10.99
CA LEU A 44 -15.14 8.67 11.78
C LEU A 44 -15.19 7.30 12.42
N ALA A 45 -16.41 6.75 12.64
CA ALA A 45 -16.58 5.39 13.17
C ALA A 45 -16.30 4.33 12.08
N ILE A 46 -16.27 4.71 10.79
CA ILE A 46 -15.98 3.82 9.65
C ILE A 46 -14.50 3.93 9.30
N ASN A 47 -13.98 5.16 9.16
CA ASN A 47 -12.57 5.39 8.97
C ASN A 47 -12.15 6.48 9.97
N PRO A 48 -11.40 6.12 11.02
CA PRO A 48 -10.98 7.12 12.01
C PRO A 48 -10.09 8.24 11.47
N PHE A 49 -9.57 8.09 10.25
CA PHE A 49 -8.75 9.12 9.62
C PHE A 49 -9.57 10.05 8.68
N GLY A 50 -10.88 9.83 8.61
CA GLY A 50 -11.80 10.63 7.81
C GLY A 50 -11.51 10.68 6.34
N LYS A 51 -11.14 9.56 5.75
CA LYS A 51 -10.89 9.51 4.31
C LYS A 51 -11.81 8.52 3.62
N VAL A 52 -12.17 8.82 2.37
CA VAL A 52 -12.93 7.92 1.49
C VAL A 52 -11.91 7.40 0.42
N PRO A 53 -12.07 6.18 -0.10
CA PRO A 53 -13.20 5.27 0.14
C PRO A 53 -13.09 4.43 1.39
N ALA A 54 -14.20 3.83 1.74
CA ALA A 54 -14.37 2.83 2.78
C ALA A 54 -15.53 1.90 2.34
N ILE A 55 -15.55 0.68 2.85
CA ILE A 55 -16.63 -0.25 2.58
C ILE A 55 -17.16 -0.86 3.88
N ALA A 56 -18.38 -1.35 3.85
CA ALA A 56 -18.97 -2.13 4.93
C ALA A 56 -19.47 -3.40 4.24
N ASP A 57 -19.04 -4.56 4.68
CA ASP A 57 -19.49 -5.84 4.13
C ASP A 57 -20.20 -6.52 5.29
N GLY A 58 -21.48 -6.19 5.48
CA GLY A 58 -22.21 -6.63 6.66
C GLY A 58 -21.69 -5.78 7.81
N ASN A 59 -21.21 -6.42 8.89
CA ASN A 59 -20.63 -5.69 10.02
C ASN A 59 -19.11 -5.36 9.84
N PHE A 60 -18.45 -5.95 8.84
CA PHE A 60 -17.03 -5.71 8.60
C PHE A 60 -16.80 -4.37 7.92
N HIS A 61 -15.98 -3.50 8.51
CA HIS A 61 -15.67 -2.20 7.91
C HIS A 61 -14.20 -2.19 7.46
N LEU A 62 -13.92 -1.56 6.31
CA LEU A 62 -12.57 -1.53 5.80
C LEU A 62 -12.29 -0.23 5.05
N TRP A 63 -11.12 0.39 5.27
CA TRP A 63 -10.71 1.58 4.56
C TRP A 63 -9.33 1.37 3.85
N GLU A 64 -8.87 2.35 3.06
CA GLU A 64 -7.71 2.33 2.17
C GLU A 64 -8.14 1.61 0.92
N SER A 65 -8.18 2.35 -0.22
CA SER A 65 -8.59 1.84 -1.52
C SER A 65 -7.82 0.59 -1.91
N GLY A 66 -6.52 0.55 -1.60
CA GLY A 66 -5.71 -0.61 -1.92
C GLY A 66 -6.13 -1.86 -1.16
N ALA A 67 -6.38 -1.74 0.16
CA ALA A 67 -6.80 -2.89 0.96
C ALA A 67 -8.18 -3.36 0.52
N ILE A 68 -9.08 -2.42 0.18
CA ILE A 68 -10.40 -2.78 -0.33
C ILE A 68 -10.28 -3.56 -1.62
N LEU A 69 -9.40 -3.12 -2.55
CA LEU A 69 -9.20 -3.83 -3.82
C LEU A 69 -8.70 -5.27 -3.55
N LEU A 70 -7.71 -5.44 -2.64
CA LEU A 70 -7.18 -6.76 -2.27
C LEU A 70 -8.25 -7.68 -1.63
N TYR A 71 -9.06 -7.12 -0.71
CA TYR A 71 -10.16 -7.85 -0.06
C TYR A 71 -11.20 -8.31 -1.08
N LEU A 72 -11.64 -7.42 -1.98
CA LEU A 72 -12.63 -7.78 -2.99
C LEU A 72 -12.08 -8.89 -3.90
N ALA A 73 -10.79 -8.81 -4.29
CA ALA A 73 -10.16 -9.80 -5.16
C ALA A 73 -10.06 -11.15 -4.49
N GLU A 74 -9.78 -11.17 -3.18
CA GLU A 74 -9.71 -12.41 -2.42
C GLU A 74 -11.09 -13.03 -2.32
N LYS A 75 -12.10 -12.22 -1.95
CA LYS A 75 -13.49 -12.64 -1.80
C LYS A 75 -14.04 -13.24 -3.09
N ALA A 76 -13.69 -12.67 -4.25
N ALA A 76 -13.72 -12.64 -4.24
CA ALA A 76 -14.16 -13.17 -5.54
CA ALA A 76 -14.18 -13.11 -5.54
C ALA A 76 -13.25 -14.24 -6.16
C ALA A 76 -13.45 -14.35 -6.05
N SER A 77 -12.29 -14.79 -5.40
N SER A 77 -12.44 -14.85 -5.32
CA SER A 77 -11.38 -15.80 -5.93
CA SER A 77 -11.64 -16.02 -5.68
C SER A 77 -11.88 -17.22 -5.75
C SER A 77 -10.86 -15.81 -6.97
N THR A 78 -12.04 -17.95 -6.85
N THR A 78 -10.28 -14.62 -7.15
CA THR A 78 -12.50 -19.34 -6.85
CA THR A 78 -9.49 -14.31 -8.35
C THR A 78 -11.33 -20.29 -6.58
C THR A 78 -7.98 -14.49 -8.16
N ILE A 79 -10.13 -19.96 -7.09
N ILE A 79 -7.51 -14.63 -6.91
CA ILE A 79 -8.94 -20.77 -6.90
CA ILE A 79 -6.10 -14.81 -6.59
C ILE A 79 -8.30 -20.37 -5.58
C ILE A 79 -5.91 -16.22 -6.06
N PRO A 80 -8.08 -21.32 -4.65
N PRO A 80 -4.87 -16.96 -6.48
CA PRO A 80 -7.42 -20.97 -3.39
CA PRO A 80 -4.65 -18.31 -5.93
C PRO A 80 -5.99 -20.53 -3.66
C PRO A 80 -4.53 -18.31 -4.39
N ALA A 81 -5.58 -19.40 -3.06
N ALA A 81 -4.78 -19.47 -3.76
CA ALA A 81 -4.25 -18.86 -3.30
CA ALA A 81 -4.80 -19.56 -2.30
C ALA A 81 -3.40 -18.90 -2.05
C ALA A 81 -3.43 -19.86 -1.64
N ASP A 82 -2.08 -19.08 -2.23
N ASP A 82 -2.48 -18.93 -1.79
CA ASP A 82 -1.17 -19.10 -1.10
CA ASP A 82 -1.15 -19.04 -1.17
C ASP A 82 -0.56 -17.69 -0.83
C ASP A 82 -0.52 -17.68 -0.89
N ALA A 83 0.37 -17.58 0.12
CA ALA A 83 1.01 -16.32 0.47
C ALA A 83 1.81 -15.68 -0.67
N GLN A 84 2.37 -16.46 -1.61
CA GLN A 84 3.17 -15.91 -2.71
C GLN A 84 2.33 -15.26 -3.78
N ALA A 85 1.20 -15.90 -4.10
CA ALA A 85 0.28 -15.38 -5.09
C ALA A 85 -0.36 -14.09 -4.59
N ARG A 86 -0.70 -14.03 -3.29
CA ARG A 86 -1.28 -12.83 -2.71
C ARG A 86 -0.21 -11.74 -2.62
N ALA A 87 1.03 -12.11 -2.24
CA ALA A 87 2.11 -11.13 -2.14
C ALA A 87 2.38 -10.42 -3.47
N LEU A 88 2.25 -11.13 -4.60
CA LEU A 88 2.47 -10.48 -5.89
C LEU A 88 1.39 -9.43 -6.22
N VAL A 89 0.12 -9.69 -5.85
CA VAL A 89 -0.93 -8.73 -6.08
C VAL A 89 -0.75 -7.55 -5.10
N ASN A 90 -0.44 -7.85 -3.82
CA ASN A 90 -0.14 -6.86 -2.78
C ASN A 90 0.97 -5.89 -3.23
N GLN A 91 2.03 -6.44 -3.85
CA GLN A 91 3.18 -5.66 -4.34
C GLN A 91 2.69 -4.62 -5.32
N TRP A 92 1.84 -5.03 -6.26
CA TRP A 92 1.34 -4.10 -7.25
C TRP A 92 0.39 -3.06 -6.70
N ILE A 93 -0.42 -3.42 -5.69
CA ILE A 93 -1.38 -2.49 -5.10
C ILE A 93 -0.58 -1.45 -4.29
N LEU A 94 0.43 -1.90 -3.52
CA LEU A 94 1.29 -0.97 -2.75
C LEU A 94 2.05 -0.05 -3.71
N PHE A 95 2.53 -0.60 -4.83
CA PHE A 95 3.26 0.18 -5.82
C PHE A 95 2.35 1.29 -6.38
N ALA A 96 1.11 0.94 -6.77
CA ALA A 96 0.16 1.91 -7.29
C ALA A 96 -0.10 3.05 -6.27
N ASN A 97 -0.28 2.71 -4.99
CA ASN A 97 -0.59 3.66 -3.94
C ASN A 97 0.57 4.47 -3.38
N SER A 98 1.80 4.03 -3.60
CA SER A 98 2.94 4.74 -3.05
C SER A 98 3.94 5.15 -4.15
N THR A 99 4.82 4.23 -4.58
CA THR A 99 5.87 4.47 -5.57
C THR A 99 5.38 5.12 -6.88
N LEU A 100 4.33 4.58 -7.48
CA LEU A 100 3.80 5.08 -8.75
C LEU A 100 3.11 6.44 -8.58
N ALA A 101 2.12 6.54 -7.69
CA ALA A 101 1.39 7.78 -7.45
C ALA A 101 2.30 8.93 -7.03
N ASN A 102 3.31 8.67 -6.19
CA ASN A 102 4.26 9.72 -5.77
C ASN A 102 5.19 10.18 -6.91
N GLY A 103 5.67 9.24 -7.71
CA GLY A 103 6.58 9.56 -8.79
C GLY A 103 5.93 10.32 -9.93
N LEU A 104 4.63 10.09 -10.15
CA LEU A 104 3.91 10.77 -11.21
C LEU A 104 3.31 12.08 -10.73
N PHE A 105 2.74 12.10 -9.52
CA PHE A 105 1.98 13.24 -9.05
C PHE A 105 2.70 14.24 -8.14
N ILE A 106 3.91 13.96 -7.64
CA ILE A 106 4.61 14.92 -6.79
C ILE A 106 5.63 15.66 -7.62
N GLU A 107 5.40 16.98 -7.83
CA GLU A 107 6.19 17.87 -8.69
C GLU A 107 7.70 17.87 -8.43
N ALA A 108 8.09 17.91 -7.15
CA ALA A 108 9.51 17.94 -6.79
C ALA A 108 10.27 16.66 -7.18
N VAL A 109 9.56 15.53 -7.41
CA VAL A 109 10.24 14.30 -7.82
C VAL A 109 9.85 13.80 -9.22
N ARG A 110 8.81 14.39 -9.84
CA ARG A 110 8.30 13.96 -11.14
C ARG A 110 9.35 13.90 -12.25
N GLU A 111 10.21 14.93 -12.35
CA GLU A 111 11.20 14.97 -13.42
C GLU A 111 12.12 13.77 -13.46
N LYS A 112 12.55 13.28 -12.30
CA LYS A 112 13.42 12.12 -12.23
C LYS A 112 12.63 10.80 -12.22
N GLU A 113 11.52 10.75 -11.45
CA GLU A 113 10.73 9.54 -11.25
C GLU A 113 9.87 9.10 -12.44
N MET A 114 9.05 10.00 -12.98
CA MET A 114 8.09 9.70 -14.05
C MET A 114 8.70 8.98 -15.26
N PRO A 115 9.76 9.49 -15.91
CA PRO A 115 10.32 8.76 -17.06
C PRO A 115 10.77 7.33 -16.72
N ARG A 116 11.34 7.13 -15.51
CA ARG A 116 11.80 5.79 -15.12
C ARG A 116 10.62 4.86 -14.87
N LEU A 117 9.54 5.37 -14.22
CA LEU A 117 8.36 4.56 -13.96
C LEU A 117 7.71 4.16 -15.27
N LEU A 118 7.52 5.14 -16.16
CA LEU A 118 6.89 4.90 -17.44
C LEU A 118 7.69 4.01 -18.36
N GLN A 119 9.03 4.14 -18.31
CA GLN A 119 9.89 3.32 -19.14
C GLN A 119 9.81 1.85 -18.67
N SER A 120 9.76 1.62 -17.34
CA SER A 120 9.65 0.25 -16.85
C SER A 120 8.26 -0.34 -17.15
N LEU A 121 7.21 0.46 -16.99
CA LEU A 121 5.85 -0.01 -17.30
C LEU A 121 5.74 -0.30 -18.81
N GLU A 122 6.36 0.55 -19.65
CA GLU A 122 6.36 0.38 -21.10
C GLU A 122 6.94 -0.99 -21.53
N LYS A 123 8.03 -1.42 -20.89
CA LYS A 123 8.67 -2.70 -21.16
C LYS A 123 7.74 -3.85 -20.79
N ILE A 124 7.05 -3.72 -19.65
CA ILE A 124 6.13 -4.76 -19.18
C ILE A 124 4.94 -4.86 -20.11
N LEU A 125 4.34 -3.73 -20.43
CA LEU A 125 3.13 -3.66 -21.24
C LEU A 125 3.38 -3.92 -22.73
N GLY A 126 4.65 -3.84 -23.17
CA GLY A 126 5.00 -4.20 -24.53
C GLY A 126 5.04 -5.71 -24.71
N ARG A 127 5.15 -6.49 -23.62
CA ARG A 127 5.25 -7.96 -23.69
C ARG A 127 3.95 -8.68 -23.38
N SER A 128 2.99 -8.02 -22.72
CA SER A 128 1.71 -8.66 -22.41
C SER A 128 0.61 -7.61 -22.37
N PRO A 129 -0.63 -8.00 -22.71
CA PRO A 129 -1.73 -7.01 -22.71
C PRO A 129 -2.01 -6.39 -21.33
N PHE A 130 -1.84 -7.18 -20.26
CA PHE A 130 -2.09 -6.67 -18.91
C PHE A 130 -0.85 -6.88 -18.00
N ILE A 131 -0.80 -6.23 -16.84
CA ILE A 131 0.36 -6.30 -15.97
C ILE A 131 0.74 -7.72 -15.54
N LEU A 132 -0.23 -8.59 -15.25
CA LEU A 132 0.09 -9.96 -14.83
C LEU A 132 0.19 -10.97 -15.97
N GLY A 133 -0.05 -10.55 -17.21
CA GLY A 133 0.02 -11.44 -18.36
C GLY A 133 -1.12 -11.25 -19.31
N GLU A 134 -1.73 -12.35 -19.75
CA GLU A 134 -2.83 -12.29 -20.73
C GLU A 134 -4.15 -11.82 -20.14
N LYS A 135 -4.36 -12.05 -18.85
CA LYS A 135 -5.65 -11.74 -18.23
C LYS A 135 -5.70 -10.47 -17.38
N PHE A 136 -6.76 -9.70 -17.56
CA PHE A 136 -7.04 -8.50 -16.78
C PHE A 136 -7.23 -8.93 -15.31
N SER A 137 -6.75 -8.10 -14.37
CA SER A 137 -6.91 -8.42 -12.95
C SER A 137 -7.03 -7.13 -12.12
N VAL A 138 -7.20 -7.27 -10.79
CA VAL A 138 -7.26 -6.13 -9.86
C VAL A 138 -5.99 -5.25 -9.97
N VAL A 139 -4.85 -5.83 -10.40
CA VAL A 139 -3.60 -5.08 -10.59
C VAL A 139 -3.80 -4.01 -11.68
N ASP A 140 -4.55 -4.33 -12.72
CA ASP A 140 -4.83 -3.36 -13.79
C ASP A 140 -5.75 -2.24 -13.30
N VAL A 141 -6.65 -2.52 -12.32
CA VAL A 141 -7.52 -1.51 -11.75
C VAL A 141 -6.66 -0.58 -10.92
N ALA A 142 -5.80 -1.15 -10.05
CA ALA A 142 -4.94 -0.34 -9.20
C ALA A 142 -3.92 0.49 -9.99
N VAL A 143 -3.17 -0.13 -10.91
CA VAL A 143 -2.14 0.60 -11.67
C VAL A 143 -2.75 1.46 -12.75
N GLY A 144 -3.60 0.88 -13.58
CA GLY A 144 -4.30 1.57 -14.66
C GLY A 144 -5.07 2.82 -14.25
N SER A 145 -5.70 2.82 -13.05
N SER A 145 -5.70 2.82 -13.07
CA SER A 145 -6.43 3.98 -12.57
CA SER A 145 -6.45 4.01 -12.63
C SER A 145 -5.48 5.14 -12.37
C SER A 145 -5.50 5.16 -12.34
N ILE A 146 -4.31 4.88 -11.78
CA ILE A 146 -3.34 5.94 -11.51
C ILE A 146 -2.84 6.51 -12.85
N LEU A 147 -2.51 5.63 -13.79
CA LEU A 147 -2.06 6.04 -15.12
C LEU A 147 -3.14 6.85 -15.84
N ALA A 148 -4.43 6.43 -15.80
CA ALA A 148 -5.53 7.16 -16.46
C ALA A 148 -5.75 8.55 -15.89
N TYR A 149 -5.41 8.77 -14.61
CA TYR A 149 -5.53 10.09 -14.01
C TYR A 149 -4.38 11.04 -14.43
N VAL A 150 -3.36 10.56 -15.17
CA VAL A 150 -2.29 11.42 -15.63
C VAL A 150 -2.83 12.46 -16.63
N PRO A 151 -3.52 12.09 -17.74
CA PRO A 151 -4.08 13.14 -18.62
C PRO A 151 -5.17 13.94 -17.90
N ILE A 152 -6.11 13.24 -17.22
CA ILE A 152 -7.22 13.82 -16.46
C ILE A 152 -6.82 14.92 -15.44
N MET A 153 -5.60 14.83 -14.83
CA MET A 153 -5.18 15.80 -13.81
C MET A 153 -3.92 16.62 -14.11
N LEU A 154 -2.89 15.99 -14.69
CA LEU A 154 -1.63 16.69 -14.95
C LEU A 154 -1.54 17.28 -16.36
N LYS A 155 -2.50 16.94 -17.25
CA LYS A 155 -2.50 17.37 -18.65
C LYS A 155 -1.29 16.83 -19.42
N LEU A 156 -0.74 15.69 -18.99
CA LEU A 156 0.35 15.05 -19.68
C LEU A 156 -0.21 13.90 -20.50
N ASN A 157 0.55 13.43 -21.47
CA ASN A 157 0.14 12.33 -22.30
C ASN A 157 1.23 11.23 -22.30
N PHE A 158 0.95 10.12 -22.93
CA PHE A 158 1.84 9.00 -23.02
C PHE A 158 2.34 8.83 -24.48
N ASP A 159 2.54 9.94 -25.22
CA ASP A 159 3.05 9.89 -26.61
C ASP A 159 4.38 9.18 -26.74
N ASP A 160 5.25 9.30 -25.74
CA ASP A 160 6.54 8.63 -25.76
C ASP A 160 6.53 7.22 -25.17
N TYR A 161 5.35 6.71 -24.78
CA TYR A 161 5.24 5.37 -24.20
C TYR A 161 4.06 4.66 -24.87
N PRO A 162 4.26 4.16 -26.10
CA PRO A 162 3.12 3.59 -26.86
C PRO A 162 2.33 2.47 -26.19
N ALA A 163 2.99 1.55 -25.52
CA ALA A 163 2.31 0.45 -24.86
C ALA A 163 1.51 0.95 -23.66
N VAL A 164 2.01 1.99 -22.96
CA VAL A 164 1.30 2.58 -21.84
C VAL A 164 0.08 3.32 -22.37
N ALA A 165 0.24 4.09 -23.47
CA ALA A 165 -0.90 4.78 -24.06
C ALA A 165 -1.98 3.81 -24.51
N ALA A 166 -1.60 2.73 -25.22
CA ALA A 166 -2.60 1.78 -25.71
C ALA A 166 -3.30 1.02 -24.57
N TYR A 167 -2.57 0.75 -23.48
CA TYR A 167 -3.08 0.03 -22.31
C TYR A 167 -4.13 0.89 -21.64
N VAL A 168 -3.83 2.18 -21.42
CA VAL A 168 -4.74 3.14 -20.77
C VAL A 168 -5.99 3.31 -21.60
N GLN A 169 -5.81 3.52 -22.94
CA GLN A 169 -6.91 3.68 -23.89
C GLN A 169 -7.85 2.49 -23.84
N GLY A 170 -7.28 1.28 -23.83
CA GLY A 170 -8.06 0.07 -23.71
C GLY A 170 -8.82 -0.01 -22.39
N LEU A 171 -8.19 0.41 -21.26
CA LEU A 171 -8.86 0.37 -19.96
C LEU A 171 -10.03 1.34 -19.93
N VAL A 172 -9.82 2.58 -20.38
CA VAL A 172 -10.81 3.64 -20.42
C VAL A 172 -12.04 3.24 -21.27
N GLN A 173 -11.88 2.34 -22.25
CA GLN A 173 -12.99 1.89 -23.09
C GLN A 173 -13.75 0.70 -22.53
N ARG A 174 -13.27 0.08 -21.45
CA ARG A 174 -13.99 -1.07 -20.88
C ARG A 174 -15.34 -0.59 -20.33
N PRO A 175 -16.41 -1.37 -20.57
CA PRO A 175 -17.74 -0.96 -20.06
C PRO A 175 -17.76 -0.68 -18.55
N ALA A 176 -17.06 -1.48 -17.75
CA ALA A 176 -17.03 -1.26 -16.29
C ALA A 176 -16.30 0.03 -15.91
N PHE A 177 -15.32 0.48 -16.74
CA PHE A 177 -14.62 1.73 -16.48
C PHE A 177 -15.58 2.88 -16.80
N GLN A 178 -16.28 2.79 -17.95
CA GLN A 178 -17.24 3.81 -18.38
C GLN A 178 -18.41 3.92 -17.39
N ALA A 179 -18.89 2.80 -16.85
CA ALA A 179 -19.95 2.82 -15.82
C ALA A 179 -19.51 3.44 -14.48
N SER A 180 -18.21 3.65 -14.28
CA SER A 180 -17.69 4.13 -13.01
C SER A 180 -16.80 5.38 -13.13
N ILE A 181 -15.48 5.26 -13.44
CA ILE A 181 -14.60 6.44 -13.55
C ILE A 181 -14.98 7.30 -14.74
N GLY A 182 -15.35 6.67 -15.84
CA GLY A 182 -15.72 7.36 -17.07
C GLY A 182 -17.05 8.09 -16.98
N ALA A 183 -17.93 7.69 -16.02
CA ALA A 183 -19.24 8.31 -15.86
C ALA A 183 -19.15 9.75 -15.37
N MET B 1 17.64 -19.35 2.44
CA MET B 1 16.97 -18.41 3.34
C MET B 1 16.49 -17.13 2.60
N ILE B 2 15.79 -16.23 3.31
CA ILE B 2 15.35 -14.97 2.70
C ILE B 2 16.61 -14.14 2.38
N LYS B 3 16.70 -13.59 1.17
CA LYS B 3 17.75 -12.65 0.82
C LYS B 3 17.01 -11.28 0.81
N LEU B 4 17.53 -10.30 1.52
CA LEU B 4 16.92 -8.98 1.59
C LEU B 4 17.86 -8.01 0.85
N TYR B 5 17.39 -7.36 -0.23
CA TYR B 5 18.17 -6.38 -0.97
C TYR B 5 17.88 -5.02 -0.39
N GLY B 6 18.92 -4.32 0.03
CA GLY B 6 18.76 -3.03 0.65
C GLY B 6 19.91 -2.10 0.46
N ALA B 7 19.85 -0.98 1.15
CA ALA B 7 20.86 0.07 1.10
C ALA B 7 20.66 0.94 2.35
N PRO B 8 21.69 1.71 2.77
CA PRO B 8 21.48 2.60 3.93
C PRO B 8 20.43 3.66 3.63
N GLN B 9 19.67 4.09 4.64
CA GLN B 9 18.59 5.07 4.51
C GLN B 9 17.58 4.68 3.46
N SER B 10 17.12 3.43 3.55
CA SER B 10 16.05 2.90 2.73
C SER B 10 15.09 2.17 3.69
N ALA B 11 13.93 1.76 3.22
CA ALA B 11 12.98 1.02 4.02
C ALA B 11 13.48 -0.43 4.27
N ALA B 12 14.71 -0.82 3.81
CA ALA B 12 15.23 -2.18 4.11
C ALA B 12 15.36 -2.36 5.63
N SER B 13 15.67 -1.28 6.36
CA SER B 13 15.82 -1.26 7.83
C SER B 13 14.52 -1.66 8.52
N ILE B 14 13.37 -1.32 7.92
CA ILE B 14 12.05 -1.67 8.43
C ILE B 14 11.85 -3.19 8.30
N ILE B 15 12.29 -3.78 7.17
CA ILE B 15 12.21 -5.22 6.97
C ILE B 15 13.13 -5.90 8.00
N GLN B 16 14.34 -5.34 8.24
CA GLN B 16 15.31 -5.86 9.21
C GLN B 16 14.71 -5.86 10.62
N TRP B 17 13.95 -4.81 11.00
CA TRP B 17 13.27 -4.79 12.29
C TRP B 17 12.29 -5.96 12.41
N TYR B 18 11.41 -6.17 11.41
CA TYR B 18 10.45 -7.26 11.48
C TYR B 18 11.13 -8.65 11.44
N LEU B 19 12.23 -8.79 10.70
CA LEU B 19 13.01 -10.04 10.68
C LEU B 19 13.61 -10.31 12.09
N GLU B 20 14.00 -9.24 12.83
CA GLU B 20 14.51 -9.33 14.20
C GLU B 20 13.38 -9.73 15.14
N GLU B 21 12.16 -9.19 14.93
CA GLU B 21 10.99 -9.51 15.77
C GLU B 21 10.60 -10.97 15.60
N LEU B 22 10.69 -11.50 14.39
CA LEU B 22 10.38 -12.90 14.10
C LEU B 22 11.55 -13.84 14.38
N SER B 23 12.75 -13.32 14.69
CA SER B 23 13.96 -14.14 14.89
C SER B 23 14.23 -15.03 13.68
N LEU B 24 14.15 -14.45 12.46
CA LEU B 24 14.38 -15.25 11.26
C LEU B 24 15.74 -14.90 10.70
N PRO B 25 16.54 -15.92 10.33
CA PRO B 25 17.81 -15.63 9.68
C PRO B 25 17.54 -15.14 8.24
N TYR B 26 18.51 -14.41 7.68
CA TYR B 26 18.39 -13.91 6.30
C TYR B 26 19.76 -13.43 5.81
N GLU B 27 19.91 -13.26 4.51
CA GLU B 27 21.12 -12.70 3.95
C GLU B 27 20.83 -11.24 3.59
N PHE B 28 21.69 -10.30 4.00
CA PHE B 28 21.53 -8.91 3.59
C PHE B 28 22.42 -8.69 2.35
N VAL B 29 21.80 -8.28 1.23
CA VAL B 29 22.51 -8.01 -0.01
C VAL B 29 22.46 -6.51 -0.27
N ASN B 30 23.56 -5.82 -0.05
CA ASN B 30 23.63 -4.38 -0.28
C ASN B 30 23.58 -4.07 -1.78
N VAL B 31 22.79 -3.06 -2.15
CA VAL B 31 22.65 -2.60 -3.52
C VAL B 31 23.20 -1.18 -3.49
N ASN B 32 24.28 -0.97 -4.25
CA ASN B 32 24.97 0.31 -4.31
C ASN B 32 24.18 1.32 -5.11
N LEU B 33 23.27 2.04 -4.45
CA LEU B 33 22.45 3.04 -5.13
C LEU B 33 23.31 4.20 -5.64
N LYS B 34 24.33 4.60 -4.86
CA LYS B 34 25.19 5.72 -5.26
C LYS B 34 25.90 5.49 -6.59
N GLU B 35 26.25 4.26 -6.89
CA GLU B 35 26.87 3.90 -8.16
C GLU B 35 25.91 3.36 -9.22
N GLY B 36 24.60 3.47 -8.97
CA GLY B 36 23.56 3.04 -9.90
C GLY B 36 23.42 1.55 -10.11
N GLU B 37 23.85 0.74 -9.14
CA GLU B 37 23.71 -0.72 -9.26
C GLU B 37 22.21 -1.13 -9.40
N HIS B 38 21.30 -0.34 -8.81
CA HIS B 38 19.87 -0.63 -8.86
C HIS B 38 19.25 -0.39 -10.26
N ARG B 39 19.97 0.32 -11.15
CA ARG B 39 19.49 0.64 -12.48
C ARG B 39 20.04 -0.28 -13.56
N GLN B 40 20.68 -1.38 -13.19
CA GLN B 40 21.31 -2.30 -14.13
C GLN B 40 20.49 -3.58 -14.24
N ALA B 41 20.65 -4.31 -15.35
CA ALA B 41 19.91 -5.54 -15.60
C ALA B 41 19.81 -6.53 -14.42
N PRO B 42 20.87 -6.94 -13.68
CA PRO B 42 20.66 -7.93 -12.61
C PRO B 42 19.67 -7.48 -11.53
N TYR B 43 19.73 -6.21 -11.09
CA TYR B 43 18.79 -5.77 -10.06
C TYR B 43 17.40 -5.54 -10.64
N LEU B 44 17.33 -5.03 -11.88
CA LEU B 44 16.05 -4.83 -12.55
C LEU B 44 15.30 -6.14 -12.79
N ALA B 45 15.98 -7.30 -12.80
CA ALA B 45 15.31 -8.59 -12.91
C ALA B 45 14.65 -8.99 -11.52
N ILE B 46 15.04 -8.34 -10.41
CA ILE B 46 14.47 -8.55 -9.08
C ILE B 46 13.34 -7.50 -8.87
N ASN B 47 13.60 -6.22 -9.13
CA ASN B 47 12.58 -5.18 -9.09
C ASN B 47 12.73 -4.38 -10.39
N PRO B 48 11.79 -4.54 -11.35
CA PRO B 48 11.88 -3.77 -12.61
C PRO B 48 11.80 -2.26 -12.44
N PHE B 49 11.43 -1.78 -11.26
CA PHE B 49 11.39 -0.34 -11.01
C PHE B 49 12.68 0.21 -10.35
N GLY B 50 13.67 -0.66 -10.12
CA GLY B 50 14.95 -0.26 -9.55
C GLY B 50 14.88 0.31 -8.16
N LYS B 51 14.00 -0.25 -7.29
CA LYS B 51 13.90 0.27 -5.92
C LYS B 51 14.20 -0.81 -4.90
N VAL B 52 14.74 -0.39 -3.76
CA VAL B 52 14.93 -1.27 -2.63
C VAL B 52 13.93 -0.80 -1.53
N PRO B 53 13.47 -1.71 -0.67
CA PRO B 53 13.88 -3.13 -0.60
C PRO B 53 13.20 -4.08 -1.57
N ALA B 54 13.73 -5.27 -1.64
CA ALA B 54 13.19 -6.42 -2.34
C ALA B 54 13.68 -7.68 -1.61
N ILE B 55 13.02 -8.81 -1.81
CA ILE B 55 13.48 -10.07 -1.26
C ILE B 55 13.48 -11.13 -2.32
N ALA B 56 14.28 -12.17 -2.11
CA ALA B 56 14.24 -13.39 -2.90
C ALA B 56 14.10 -14.50 -1.86
N ASP B 57 13.13 -15.38 -2.03
CA ASP B 57 12.89 -16.51 -1.14
C ASP B 57 12.85 -17.72 -2.08
N GLY B 58 14.02 -18.24 -2.40
CA GLY B 58 14.13 -19.30 -3.39
C GLY B 58 14.02 -18.63 -4.73
N ASN B 59 13.15 -19.12 -5.61
CA ASN B 59 12.94 -18.48 -6.91
C ASN B 59 11.87 -17.34 -6.88
N PHE B 60 11.24 -17.13 -5.72
CA PHE B 60 10.23 -16.11 -5.53
C PHE B 60 10.89 -14.75 -5.25
N HIS B 61 10.53 -13.71 -5.99
CA HIS B 61 11.07 -12.37 -5.80
C HIS B 61 9.90 -11.46 -5.41
N LEU B 62 10.14 -10.47 -4.56
CA LEU B 62 9.07 -9.60 -4.09
C LEU B 62 9.61 -8.23 -3.75
N TRP B 63 8.93 -7.17 -4.17
CA TRP B 63 9.35 -5.81 -3.86
C TRP B 63 8.16 -5.02 -3.24
N GLU B 64 8.42 -3.80 -2.78
CA GLU B 64 7.51 -2.94 -2.04
C GLU B 64 7.66 -3.40 -0.60
N SER B 65 8.19 -2.55 0.28
CA SER B 65 8.42 -2.89 1.68
C SER B 65 7.13 -3.37 2.37
N GLY B 66 5.99 -2.80 1.99
CA GLY B 66 4.72 -3.17 2.60
C GLY B 66 4.32 -4.58 2.28
N ALA B 67 4.51 -4.99 1.02
CA ALA B 67 4.16 -6.35 0.61
C ALA B 67 5.15 -7.36 1.22
N ILE B 68 6.40 -6.96 1.45
CA ILE B 68 7.38 -7.83 2.08
C ILE B 68 6.95 -8.04 3.53
N LEU B 69 6.55 -6.97 4.25
CA LEU B 69 6.05 -7.12 5.64
C LEU B 69 4.87 -8.08 5.70
N LEU B 70 3.84 -7.90 4.83
CA LEU B 70 2.66 -8.78 4.82
C LEU B 70 3.04 -10.20 4.48
N TYR B 71 3.95 -10.37 3.51
CA TYR B 71 4.42 -11.71 3.14
C TYR B 71 5.11 -12.41 4.31
N LEU B 72 6.03 -11.74 5.01
CA LEU B 72 6.73 -12.31 6.15
C LEU B 72 5.71 -12.59 7.27
N ALA B 73 4.71 -11.69 7.49
CA ALA B 73 3.68 -11.90 8.51
C ALA B 73 2.88 -13.17 8.22
N GLU B 74 2.50 -13.37 6.95
CA GLU B 74 1.75 -14.55 6.56
C GLU B 74 2.55 -15.84 6.70
N LYS B 75 3.81 -15.86 6.24
CA LYS B 75 4.64 -17.05 6.35
C LYS B 75 4.87 -17.46 7.81
N ALA B 76 4.94 -16.50 8.74
N ALA B 76 5.09 -16.49 8.71
CA ALA B 76 5.14 -16.78 10.15
CA ALA B 76 5.33 -16.79 10.12
C ALA B 76 3.82 -17.04 10.92
C ALA B 76 4.07 -17.19 10.91
N SER B 77 2.67 -17.08 10.23
N SER B 77 2.90 -17.18 10.25
CA SER B 77 1.39 -17.28 10.91
CA SER B 77 1.60 -17.50 10.83
C SER B 77 1.12 -18.74 11.25
C SER B 77 1.23 -16.55 11.97
N THR B 78 0.61 -18.94 12.46
N THR B 78 1.37 -15.22 11.74
CA THR B 78 0.29 -20.24 13.03
CA THR B 78 1.03 -14.23 12.75
C THR B 78 -1.20 -20.53 12.88
C THR B 78 -0.31 -13.50 12.50
N ILE B 79 -2.05 -19.58 13.25
N ILE B 79 -1.08 -13.92 11.47
CA ILE B 79 -3.50 -19.76 13.10
CA ILE B 79 -2.37 -13.34 11.10
C ILE B 79 -3.90 -19.31 11.72
C ILE B 79 -3.36 -14.49 10.90
N PRO B 80 -4.55 -20.17 10.90
N PRO B 80 -4.59 -14.42 11.46
CA PRO B 80 -4.94 -19.74 9.56
CA PRO B 80 -5.58 -15.49 11.20
C PRO B 80 -5.89 -18.54 9.57
C PRO B 80 -5.78 -15.83 9.72
N ALA B 81 -5.59 -17.53 8.76
N ALA B 81 -6.32 -17.02 9.41
CA ALA B 81 -6.37 -16.30 8.73
CA ALA B 81 -6.49 -17.45 8.03
C ALA B 81 -7.28 -16.21 7.52
C ALA B 81 -7.84 -17.11 7.39
N ASP B 82 -8.42 -15.53 7.67
N ASP B 82 -8.09 -15.81 7.16
CA ASP B 82 -9.36 -15.35 6.55
CA ASP B 82 -9.33 -15.35 6.54
C ASP B 82 -9.16 -13.98 5.88
C ASP B 82 -9.12 -13.99 5.85
N ALA B 83 -9.87 -13.72 4.76
CA ALA B 83 -9.75 -12.46 4.01
C ALA B 83 -9.95 -11.19 4.84
N GLN B 84 -10.84 -11.22 5.86
CA GLN B 84 -11.12 -10.07 6.71
C GLN B 84 -9.98 -9.75 7.65
N ALA B 85 -9.36 -10.78 8.24
CA ALA B 85 -8.25 -10.61 9.14
C ALA B 85 -7.01 -10.11 8.36
N ARG B 86 -6.77 -10.64 7.17
CA ARG B 86 -5.66 -10.17 6.32
C ARG B 86 -5.95 -8.74 5.86
N ALA B 87 -7.21 -8.41 5.51
CA ALA B 87 -7.63 -7.07 5.10
C ALA B 87 -7.35 -6.00 6.16
N LEU B 88 -7.60 -6.29 7.46
CA LEU B 88 -7.32 -5.30 8.51
C LEU B 88 -5.82 -5.06 8.65
N VAL B 89 -5.00 -6.10 8.44
CA VAL B 89 -3.55 -5.91 8.45
C VAL B 89 -3.14 -5.13 7.17
N ASN B 90 -3.64 -5.53 5.98
CA ASN B 90 -3.37 -4.82 4.72
C ASN B 90 -3.78 -3.33 4.80
N GLN B 91 -4.91 -3.01 5.45
CA GLN B 91 -5.41 -1.64 5.62
C GLN B 91 -4.34 -0.75 6.24
N TRP B 92 -3.73 -1.23 7.35
CA TRP B 92 -2.71 -0.47 8.07
C TRP B 92 -1.38 -0.36 7.32
N ILE B 93 -1.01 -1.38 6.54
CA ILE B 93 0.22 -1.36 5.75
C ILE B 93 0.03 -0.35 4.60
N LEU B 94 -1.15 -0.34 3.95
CA LEU B 94 -1.45 0.65 2.90
C LEU B 94 -1.44 2.06 3.48
N PHE B 95 -2.05 2.22 4.67
CA PHE B 95 -2.12 3.47 5.39
C PHE B 95 -0.71 3.99 5.68
N ALA B 96 0.20 3.13 6.20
CA ALA B 96 1.55 3.55 6.54
C ALA B 96 2.32 4.04 5.31
N ASN B 97 2.14 3.35 4.19
CA ASN B 97 2.83 3.62 2.94
C ASN B 97 2.26 4.73 2.09
N SER B 98 1.02 5.19 2.34
CA SER B 98 0.43 6.23 1.51
C SER B 98 -0.09 7.38 2.39
N THR B 99 -1.29 7.25 2.99
CA THR B 99 -1.92 8.27 3.81
C THR B 99 -1.02 8.84 4.91
N LEU B 100 -0.44 7.99 5.73
CA LEU B 100 0.43 8.42 6.83
C LEU B 100 1.76 9.02 6.33
N ALA B 101 2.53 8.29 5.50
CA ALA B 101 3.80 8.82 4.98
C ALA B 101 3.63 10.14 4.24
N ASN B 102 2.60 10.25 3.39
CA ASN B 102 2.35 11.47 2.63
C ASN B 102 1.98 12.66 3.52
N GLY B 103 1.11 12.41 4.49
CA GLY B 103 0.66 13.43 5.40
C GLY B 103 1.73 13.98 6.31
N LEU B 104 2.72 13.15 6.66
CA LEU B 104 3.80 13.58 7.52
C LEU B 104 4.98 14.14 6.71
N PHE B 105 5.35 13.50 5.58
CA PHE B 105 6.57 13.86 4.86
C PHE B 105 6.42 14.73 3.60
N ILE B 106 5.20 15.04 3.14
CA ILE B 106 5.05 15.92 1.98
C ILE B 106 4.80 17.32 2.53
N GLU B 107 5.78 18.22 2.33
CA GLU B 107 5.78 19.57 2.89
C GLU B 107 4.54 20.39 2.57
N ALA B 108 4.02 20.27 1.36
CA ALA B 108 2.82 21.01 0.95
C ALA B 108 1.54 20.58 1.68
N VAL B 109 1.47 19.33 2.18
CA VAL B 109 0.26 18.88 2.87
C VAL B 109 0.45 18.69 4.36
N ARG B 110 1.69 18.71 4.88
CA ARG B 110 2.01 18.47 6.30
C ARG B 110 1.24 19.32 7.28
N GLU B 111 1.18 20.66 7.09
CA GLU B 111 0.48 21.54 8.04
C GLU B 111 -0.96 21.11 8.26
N LYS B 112 -1.64 20.70 7.19
CA LYS B 112 -3.02 20.25 7.33
C LYS B 112 -3.17 18.78 7.81
N GLU B 113 -2.48 17.84 7.12
CA GLU B 113 -2.58 16.38 7.37
C GLU B 113 -2.01 15.87 8.68
N MET B 114 -0.74 16.20 8.99
CA MET B 114 0.00 15.70 10.14
C MET B 114 -0.76 15.86 11.48
N PRO B 115 -1.28 17.06 11.88
CA PRO B 115 -2.01 17.13 13.14
C PRO B 115 -3.24 16.22 13.16
N ARG B 116 -3.96 16.11 12.03
CA ARG B 116 -5.14 15.25 11.92
C ARG B 116 -4.77 13.78 12.09
N LEU B 117 -3.69 13.35 11.42
CA LEU B 117 -3.23 11.96 11.50
C LEU B 117 -2.82 11.62 12.94
N LEU B 118 -2.05 12.51 13.59
CA LEU B 118 -1.59 12.28 14.96
C LEU B 118 -2.72 12.35 15.97
N GLN B 119 -3.70 13.23 15.74
CA GLN B 119 -4.87 13.32 16.60
C GLN B 119 -5.70 12.03 16.54
N SER B 120 -5.87 11.48 15.35
CA SER B 120 -6.61 10.23 15.21
C SER B 120 -5.86 9.05 15.85
N LEU B 121 -4.53 8.97 15.66
CA LEU B 121 -3.70 7.90 16.25
C LEU B 121 -3.64 8.03 17.78
N GLU B 122 -3.68 9.27 18.31
CA GLU B 122 -3.67 9.56 19.74
C GLU B 122 -4.88 8.89 20.40
N LYS B 123 -6.06 8.93 19.75
CA LYS B 123 -7.25 8.30 20.30
C LYS B 123 -7.12 6.78 20.30
N ILE B 124 -6.57 6.21 19.22
CA ILE B 124 -6.39 4.76 19.11
C ILE B 124 -5.38 4.28 20.15
N LEU B 125 -4.20 4.90 20.19
CA LEU B 125 -3.10 4.53 21.08
C LEU B 125 -3.34 4.86 22.56
N GLY B 126 -4.32 5.73 22.84
CA GLY B 126 -4.70 6.03 24.21
C GLY B 126 -5.58 4.95 24.82
N ARG B 127 -6.20 4.10 23.97
CA ARG B 127 -7.11 3.01 24.37
C ARG B 127 -6.46 1.62 24.35
N SER B 128 -5.34 1.45 23.63
CA SER B 128 -4.67 0.16 23.56
C SER B 128 -3.15 0.30 23.40
N PRO B 129 -2.35 -0.61 23.97
CA PRO B 129 -0.89 -0.47 23.86
C PRO B 129 -0.39 -0.46 22.41
N PHE B 130 -1.01 -1.27 21.54
CA PHE B 130 -0.61 -1.34 20.13
C PHE B 130 -1.81 -1.06 19.19
N ILE B 131 -1.54 -0.80 17.87
CA ILE B 131 -2.58 -0.49 16.89
C ILE B 131 -3.73 -1.50 16.89
N LEU B 132 -3.43 -2.82 16.84
CA LEU B 132 -4.48 -3.83 16.81
C LEU B 132 -4.91 -4.37 18.18
N GLY B 133 -4.48 -3.73 19.27
CA GLY B 133 -4.86 -4.17 20.60
C GLY B 133 -3.73 -4.33 21.60
N GLU B 134 -3.79 -5.41 22.37
CA GLU B 134 -2.82 -5.73 23.42
C GLU B 134 -1.50 -6.28 22.91
N LYS B 135 -1.54 -6.91 21.74
CA LYS B 135 -0.37 -7.58 21.18
C LYS B 135 0.31 -6.85 20.01
N PHE B 136 1.64 -6.71 20.09
CA PHE B 136 2.48 -6.13 19.04
C PHE B 136 2.33 -7.01 17.78
N SER B 137 2.28 -6.37 16.61
CA SER B 137 2.15 -7.08 15.36
C SER B 137 2.91 -6.32 14.23
N VAL B 138 2.90 -6.87 13.02
CA VAL B 138 3.52 -6.25 11.83
C VAL B 138 2.95 -4.83 11.54
N VAL B 139 1.71 -4.55 11.98
CA VAL B 139 1.10 -3.22 11.85
C VAL B 139 1.93 -2.19 12.64
N ASP B 140 2.43 -2.54 13.84
CA ASP B 140 3.26 -1.64 14.64
C ASP B 140 4.61 -1.37 14.01
N VAL B 141 5.16 -2.37 13.30
CA VAL B 141 6.39 -2.17 12.54
C VAL B 141 6.08 -1.18 11.40
N ALA B 142 5.00 -1.40 10.61
CA ALA B 142 4.65 -0.50 9.49
C ALA B 142 4.32 0.96 9.91
N VAL B 143 3.42 1.14 10.89
CA VAL B 143 3.02 2.48 11.31
C VAL B 143 4.11 3.12 12.18
N GLY B 144 4.60 2.32 13.13
CA GLY B 144 5.67 2.72 14.05
C GLY B 144 6.93 3.20 13.38
N SER B 145 7.37 2.54 12.29
N SER B 145 7.35 2.56 12.28
CA SER B 145 8.57 2.98 11.57
CA SER B 145 8.56 2.98 11.57
C SER B 145 8.37 4.37 10.97
C SER B 145 8.37 4.36 10.98
N ILE B 146 7.20 4.63 10.36
CA ILE B 146 6.92 5.96 9.78
C ILE B 146 6.95 7.02 10.88
N LEU B 147 6.30 6.75 12.02
CA LEU B 147 6.30 7.67 13.15
C LEU B 147 7.71 7.87 13.71
N ALA B 148 8.49 6.81 13.91
CA ALA B 148 9.86 6.95 14.44
C ALA B 148 10.76 7.78 13.52
N TYR B 149 10.55 7.75 12.18
CA TYR B 149 11.36 8.58 11.28
C TYR B 149 11.01 10.09 11.38
N VAL B 150 9.95 10.45 12.12
CA VAL B 150 9.56 11.85 12.27
C VAL B 150 10.65 12.60 13.07
N PRO B 151 11.03 12.22 14.32
CA PRO B 151 12.16 12.92 14.98
C PRO B 151 13.45 12.79 14.15
N ILE B 152 13.78 11.57 13.69
CA ILE B 152 14.97 11.26 12.91
C ILE B 152 15.17 12.15 11.67
N MET B 153 14.15 12.31 10.81
CA MET B 153 14.26 13.07 9.57
C MET B 153 13.64 14.47 9.56
N LEU B 154 12.59 14.72 10.36
CA LEU B 154 11.91 16.00 10.33
C LEU B 154 12.24 16.95 11.48
N LYS B 155 13.03 16.50 12.47
CA LYS B 155 13.39 17.30 13.65
C LYS B 155 12.14 17.73 14.48
N LEU B 156 11.00 17.05 14.28
CA LEU B 156 9.75 17.29 14.99
C LEU B 156 9.57 16.25 16.09
N ASN B 157 8.71 16.53 17.07
CA ASN B 157 8.45 15.60 18.17
C ASN B 157 6.93 15.34 18.36
N PHE B 158 6.56 14.45 19.28
CA PHE B 158 5.17 14.12 19.55
C PHE B 158 4.72 14.62 20.93
N ASP B 159 5.30 15.74 21.43
CA ASP B 159 4.96 16.27 22.75
C ASP B 159 3.48 16.57 22.93
N ASP B 160 2.81 17.07 21.87
CA ASP B 160 1.38 17.34 21.96
C ASP B 160 0.50 16.09 21.90
N TYR B 161 1.11 14.90 21.70
CA TYR B 161 0.38 13.66 21.56
C TYR B 161 1.02 12.66 22.51
N PRO B 162 0.72 12.77 23.83
CA PRO B 162 1.39 11.90 24.82
C PRO B 162 1.30 10.40 24.54
N ALA B 163 0.15 9.88 24.15
CA ALA B 163 0.00 8.44 23.88
C ALA B 163 0.81 8.00 22.63
N VAL B 164 0.91 8.87 21.61
CA VAL B 164 1.70 8.60 20.41
C VAL B 164 3.18 8.58 20.81
N ALA B 165 3.62 9.59 21.59
CA ALA B 165 4.99 9.68 22.06
C ALA B 165 5.39 8.46 22.88
N ALA B 166 4.54 8.00 23.82
CA ALA B 166 4.85 6.83 24.63
C ALA B 166 4.90 5.56 23.78
N TYR B 167 4.05 5.47 22.76
CA TYR B 167 4.01 4.31 21.89
C TYR B 167 5.32 4.26 21.06
N VAL B 168 5.75 5.41 20.53
CA VAL B 168 6.97 5.48 19.73
C VAL B 168 8.18 5.21 20.62
N GLN B 169 8.21 5.72 21.86
CA GLN B 169 9.31 5.47 22.79
C GLN B 169 9.41 3.99 23.11
N GLY B 170 8.27 3.36 23.35
CA GLY B 170 8.21 1.93 23.62
C GLY B 170 8.74 1.10 22.46
N LEU B 171 8.42 1.50 21.21
CA LEU B 171 8.87 0.80 20.01
C LEU B 171 10.39 0.94 19.85
N VAL B 172 10.88 2.16 20.03
CA VAL B 172 12.29 2.49 19.93
C VAL B 172 13.12 1.72 20.98
N GLN B 173 12.55 1.43 22.15
CA GLN B 173 13.29 0.72 23.20
C GLN B 173 13.30 -0.80 23.03
N ARG B 174 12.56 -1.35 22.07
CA ARG B 174 12.56 -2.80 21.86
C ARG B 174 13.93 -3.21 21.31
N PRO B 175 14.52 -4.28 21.89
CA PRO B 175 15.83 -4.75 21.38
C PRO B 175 15.84 -5.04 19.88
N ALA B 176 14.71 -5.52 19.30
CA ALA B 176 14.66 -5.75 17.86
C ALA B 176 14.76 -4.45 17.05
N PHE B 177 14.22 -3.35 17.60
CA PHE B 177 14.33 -2.05 16.94
C PHE B 177 15.77 -1.56 17.04
N GLN B 178 16.35 -1.64 18.26
CA GLN B 178 17.72 -1.21 18.51
C GLN B 178 18.76 -1.99 17.66
N ALA B 179 18.50 -3.28 17.39
CA ALA B 179 19.40 -4.07 16.55
C ALA B 179 19.25 -3.76 15.04
N SER B 180 18.23 -3.00 14.63
CA SER B 180 17.96 -2.70 13.24
C SER B 180 17.90 -1.19 12.89
N ILE B 181 16.70 -0.52 12.97
CA ILE B 181 16.60 0.91 12.67
C ILE B 181 17.43 1.73 13.65
N GLY B 182 17.40 1.35 14.92
CA GLY B 182 18.12 2.06 15.98
C GLY B 182 19.62 1.92 15.96
N ALA B 183 20.18 1.21 14.97
CA ALA B 183 21.63 1.02 14.86
C ALA B 183 22.23 1.84 13.72
#